data_2BWM
#
_entry.id   2BWM
#
_cell.length_a   82.623
_cell.length_b   105.287
_cell.length_c   51.836
_cell.angle_alpha   90.00
_cell.angle_beta   90.00
_cell.angle_gamma   90.00
#
_symmetry.space_group_name_H-M   'P 21 21 2'
#
loop_
_entity.id
_entity.type
_entity.pdbx_description
1 polymer 'PSATHYRELLA VELUTINA LECTIN PVL'
2 non-polymer 'CALCIUM ION'
3 non-polymer 'methyl 2-acetamido-2-deoxy-1-seleno-beta-D-glucopyranoside'
4 non-polymer 'SULFATE ION'
5 non-polymer GLYCEROL
6 water water
#
_entity_poly.entity_id   1
_entity_poly.type   'polypeptide(L)'
_entity_poly.pdbx_seq_one_letter_code
;SVVVISQALPVPTRIPGVADLVGFGNGGVYIIRNSLLIQVVKVINNFGYDAGGWRVEKHVRLLADTTGDNQSDVVGFGEN
GVWISTNNGNNTFVDPPKMVLANFAYAAGGWRVEKHIRFMADLRKTGRADIVGFGDGGIYISRNNGGGQFAPAQLALNNF
GYAQGWRLDRHLRFLADVTGDGLLDVVGFGENQVYIARNSGNGTFQPAQAVVNNFCIGAGGWTISAHPRVVADLTGDRKA
DILGFGVAGVYTSLNNGNGTFGAVNLVLKDFGVNSGWRVEKHVRCVSSLTNKKVGDIIGFGDAGVYVALNNGNGTFGPVK
RVIDNFGYNQGWRVDKHPRFVVDLTGDGCADIVGFGENSVWACMNKGDGTFGPIMKLIDDMTVSKGWTLQKTVRYAANLY
L
;
_entity_poly.pdbx_strand_id   A
#
loop_
_chem_comp.id
_chem_comp.type
_chem_comp.name
_chem_comp.formula
CA non-polymer 'CALCIUM ION' 'Ca 2'
GOL non-polymer GLYCEROL 'C3 H8 O3'
SNG D-saccharide 'methyl 2-acetamido-2-deoxy-1-seleno-beta-D-glucopyranoside' 'C9 H17 N O5 Se'
SO4 non-polymer 'SULFATE ION' 'O4 S -2'
#
# COMPACT_ATOMS: atom_id res chain seq x y z
N SER A 1 13.31 -2.06 -3.66
CA SER A 1 12.25 -3.08 -3.84
C SER A 1 11.18 -2.62 -4.89
N VAL A 2 10.21 -3.49 -5.15
CA VAL A 2 9.39 -3.35 -6.35
C VAL A 2 8.01 -2.82 -6.01
N VAL A 3 7.28 -2.49 -7.06
CA VAL A 3 5.94 -1.90 -6.97
C VAL A 3 4.95 -3.00 -6.61
N VAL A 4 4.41 -2.90 -5.43
CA VAL A 4 3.32 -3.78 -5.02
C VAL A 4 2.19 -2.88 -4.54
N ILE A 5 0.98 -3.19 -4.98
CA ILE A 5 -0.21 -2.46 -4.55
C ILE A 5 -1.03 -3.42 -3.70
N SER A 6 -1.28 -3.01 -2.46
CA SER A 6 -2.01 -3.82 -1.49
C SER A 6 -3.25 -3.08 -0.93
N GLN A 7 -4.14 -3.81 -0.27
CA GLN A 7 -5.29 -3.19 0.39
C GLN A 7 -4.79 -2.20 1.48
N ALA A 8 -3.78 -2.63 2.23
CA ALA A 8 -3.26 -1.86 3.35
C ALA A 8 -2.51 -0.61 2.87
N LEU A 9 -1.77 -0.79 1.79
CA LEU A 9 -0.93 0.25 1.19
C LEU A 9 -1.23 0.38 -0.33
N PRO A 10 -2.35 1.06 -0.64
CA PRO A 10 -2.80 1.16 -2.05
C PRO A 10 -1.99 2.22 -2.87
N VAL A 11 -1.17 3.03 -2.16
CA VAL A 11 -0.35 4.02 -2.82
C VAL A 11 1.10 3.61 -2.57
N PRO A 12 1.71 2.96 -3.57
CA PRO A 12 3.10 2.57 -3.43
C PRO A 12 4.04 3.77 -3.41
N THR A 13 5.18 3.59 -2.76
CA THR A 13 6.23 4.62 -2.78
C THR A 13 7.48 4.00 -3.40
N ARG A 14 8.28 4.82 -4.04
CA ARG A 14 9.44 4.36 -4.78
C ARG A 14 10.63 4.07 -3.87
N ILE A 15 11.41 3.07 -4.23
CA ILE A 15 12.70 2.79 -3.62
C ILE A 15 13.70 2.73 -4.79
N PRO A 16 14.65 3.68 -4.91
CA PRO A 16 14.90 4.84 -4.04
C PRO A 16 13.91 5.95 -4.28
N GLY A 17 13.78 6.80 -3.28
CA GLY A 17 12.95 7.94 -3.40
C GLY A 17 13.08 8.90 -2.23
N VAL A 18 12.46 10.06 -2.43
CA VAL A 18 12.32 11.09 -1.41
C VAL A 18 10.81 11.41 -1.26
N ALA A 19 10.09 10.55 -0.55
CA ALA A 19 8.66 10.67 -0.47
C ALA A 19 8.19 11.93 0.25
N ASP A 20 7.08 12.46 -0.25
CA ASP A 20 6.34 13.54 0.33
C ASP A 20 5.25 12.94 1.23
N LEU A 21 4.61 13.82 2.00
CA LEU A 21 3.45 13.46 2.80
C LEU A 21 2.23 14.17 2.26
N VAL A 22 1.11 13.45 2.21
CA VAL A 22 -0.16 13.96 1.68
C VAL A 22 -1.28 13.63 2.68
N GLY A 23 -2.09 14.63 2.99
CA GLY A 23 -3.22 14.41 3.87
C GLY A 23 -4.51 14.91 3.24
N PHE A 24 -5.52 14.06 3.27
CA PHE A 24 -6.90 14.44 2.99
C PHE A 24 -7.54 14.76 4.36
N GLY A 25 -7.51 16.04 4.68
CA GLY A 25 -8.04 16.54 5.95
C GLY A 25 -9.49 16.90 5.86
N ASN A 26 -10.06 17.37 6.97
CA ASN A 26 -11.43 17.78 6.96
C ASN A 26 -11.68 18.88 5.93
N GLY A 27 -10.70 19.78 5.77
CA GLY A 27 -10.83 20.94 4.90
C GLY A 27 -10.35 20.84 3.48
N GLY A 28 -9.80 19.69 3.09
CA GLY A 28 -9.25 19.52 1.75
C GLY A 28 -7.93 18.78 1.77
N VAL A 29 -7.16 18.97 0.71
CA VAL A 29 -5.93 18.21 0.51
C VAL A 29 -4.76 19.13 0.80
N TYR A 30 -3.83 18.59 1.59
CA TYR A 30 -2.61 19.27 2.05
C TYR A 30 -1.37 18.42 1.74
N ILE A 31 -0.26 19.07 1.39
CA ILE A 31 0.99 18.38 1.13
C ILE A 31 2.14 18.94 1.97
N ILE A 32 3.07 18.05 2.26
CA ILE A 32 4.38 18.40 2.85
C ILE A 32 5.41 17.89 1.83
N ARG A 33 5.94 18.81 1.03
CA ARG A 33 6.98 18.49 0.08
C ARG A 33 8.33 18.18 0.78
N ASN A 34 8.90 17.03 0.43
CA ASN A 34 10.17 16.59 0.98
C ASN A 34 11.29 17.45 0.33
N SER A 35 11.82 18.38 1.11
CA SER A 35 12.79 19.37 0.64
C SER A 35 13.46 20.08 1.82
N LEU A 36 14.33 21.03 1.50
CA LEU A 36 15.01 21.84 2.49
C LEU A 36 14.04 22.75 3.25
N LEU A 37 12.83 22.96 2.73
CA LEU A 37 11.84 23.76 3.43
C LEU A 37 10.62 22.88 3.76
N ILE A 38 10.46 22.59 5.06
CA ILE A 38 9.34 21.76 5.52
C ILE A 38 8.19 22.58 6.01
N GLN A 39 7.05 22.47 5.33
CA GLN A 39 5.85 23.24 5.69
C GLN A 39 4.63 22.51 5.10
N VAL A 40 3.46 22.83 5.62
CA VAL A 40 2.21 22.29 5.05
C VAL A 40 1.65 23.29 4.04
N VAL A 41 1.28 22.81 2.85
CA VAL A 41 0.64 23.64 1.82
C VAL A 41 -0.75 23.06 1.48
N LYS A 42 -1.83 23.85 1.62
CA LYS A 42 -3.13 23.39 1.17
C LYS A 42 -3.19 23.51 -0.35
N VAL A 43 -3.55 22.42 -1.01
CA VAL A 43 -3.56 22.41 -2.47
C VAL A 43 -4.96 22.25 -3.11
N ILE A 44 -5.92 21.66 -2.42
CA ILE A 44 -7.27 21.46 -3.01
C ILE A 44 -8.35 21.63 -1.96
N ASN A 45 -9.33 22.46 -2.26
CA ASN A 45 -10.50 22.66 -1.37
C ASN A 45 -11.58 21.66 -1.72
N ASN A 46 -11.22 20.40 -1.63
CA ASN A 46 -12.09 19.31 -2.00
C ASN A 46 -11.47 18.02 -1.47
N PHE A 47 -12.16 16.89 -1.73
CA PHE A 47 -11.77 15.55 -1.25
C PHE A 47 -11.64 15.48 0.27
N GLY A 48 -12.42 16.32 0.99
CA GLY A 48 -12.37 16.35 2.45
C GLY A 48 -13.73 16.03 3.09
N TYR A 49 -13.65 15.70 4.38
CA TYR A 49 -14.84 15.39 5.17
C TYR A 49 -15.82 16.56 5.12
N ASP A 50 -15.29 17.77 5.30
CA ASP A 50 -16.08 19.01 5.23
C ASP A 50 -15.78 19.84 3.96
N ALA A 51 -15.12 19.25 2.99
CA ALA A 51 -14.87 19.88 1.70
C ALA A 51 -15.26 18.85 0.65
N GLY A 52 -16.58 18.73 0.46
CA GLY A 52 -17.16 17.79 -0.50
C GLY A 52 -17.85 16.59 0.07
N GLY A 53 -17.90 16.48 1.40
CA GLY A 53 -18.63 15.42 2.03
C GLY A 53 -18.03 14.03 1.86
N TRP A 54 -16.70 13.97 1.83
CA TRP A 54 -15.99 12.72 1.60
C TRP A 54 -15.97 11.90 2.88
N ARG A 55 -16.16 10.59 2.73
CA ARG A 55 -16.35 9.68 3.84
C ARG A 55 -15.52 8.42 3.66
N VAL A 56 -14.72 8.06 4.68
CA VAL A 56 -13.94 6.80 4.61
C VAL A 56 -14.82 5.58 4.39
N GLU A 57 -16.07 5.65 4.86
CA GLU A 57 -16.99 4.55 4.74
C GLU A 57 -17.60 4.37 3.36
N LYS A 58 -17.51 5.39 2.50
CA LYS A 58 -18.18 5.37 1.22
C LYS A 58 -17.29 5.62 0.01
N HIS A 59 -16.15 6.26 0.22
CA HIS A 59 -15.34 6.83 -0.86
C HIS A 59 -13.88 6.45 -0.68
N VAL A 60 -13.12 6.51 -1.78
CA VAL A 60 -11.73 6.10 -1.80
C VAL A 60 -10.91 7.25 -2.33
N ARG A 61 -9.78 7.50 -1.67
CA ARG A 61 -8.90 8.65 -2.08
C ARG A 61 -7.48 8.13 -2.19
N LEU A 62 -6.87 8.36 -3.38
CA LEU A 62 -5.57 7.83 -3.74
C LEU A 62 -4.77 8.90 -4.47
N LEU A 63 -3.49 8.58 -4.71
CA LEU A 63 -2.58 9.35 -5.53
C LEU A 63 -2.04 8.41 -6.60
N ALA A 64 -1.94 8.91 -7.82
CA ALA A 64 -1.43 8.15 -8.95
C ALA A 64 -1.09 9.08 -10.08
N ASP A 65 -0.09 8.72 -10.88
CA ASP A 65 0.23 9.47 -12.10
C ASP A 65 -0.72 9.04 -13.22
N THR A 66 -1.65 9.94 -13.53
CA THR A 66 -2.66 9.67 -14.52
C THR A 66 -2.37 10.27 -15.88
N THR A 67 -1.20 10.90 -16.06
CA THR A 67 -0.89 11.52 -17.38
C THR A 67 0.39 11.06 -18.03
N GLY A 68 1.28 10.45 -17.26
CA GLY A 68 2.52 9.89 -17.76
C GLY A 68 3.70 10.82 -17.59
N ASP A 69 3.50 11.96 -16.94
CA ASP A 69 4.61 12.87 -16.64
C ASP A 69 5.41 12.56 -15.33
N ASN A 70 5.16 11.41 -14.72
CA ASN A 70 5.73 11.00 -13.43
C ASN A 70 5.46 11.94 -12.23
N GLN A 71 4.42 12.76 -12.33
CA GLN A 71 3.92 13.54 -11.18
C GLN A 71 2.60 12.88 -10.73
N SER A 72 2.43 12.77 -9.43
CA SER A 72 1.21 12.13 -8.89
C SER A 72 0.06 13.11 -8.86
N ASP A 73 -1.10 12.62 -9.28
CA ASP A 73 -2.38 13.36 -9.26
C ASP A 73 -3.23 12.85 -8.13
N VAL A 74 -4.23 13.62 -7.73
CA VAL A 74 -5.17 13.21 -6.69
C VAL A 74 -6.39 12.58 -7.35
N VAL A 75 -6.75 11.37 -6.93
CA VAL A 75 -7.84 10.60 -7.57
C VAL A 75 -8.81 10.23 -6.44
N GLY A 76 -10.07 10.60 -6.61
CA GLY A 76 -11.10 10.21 -5.64
C GLY A 76 -12.26 9.49 -6.24
N PHE A 77 -12.63 8.34 -5.66
CA PHE A 77 -13.82 7.60 -6.04
C PHE A 77 -14.89 8.14 -5.11
N GLY A 78 -15.68 9.10 -5.62
CA GLY A 78 -16.67 9.79 -4.86
C GLY A 78 -18.04 9.17 -4.87
N GLU A 79 -19.06 10.01 -4.72
CA GLU A 79 -20.40 9.49 -4.62
C GLU A 79 -20.90 8.96 -5.98
N ASN A 80 -20.63 9.72 -7.06
CA ASN A 80 -21.21 9.38 -8.38
C ASN A 80 -20.24 9.20 -9.51
N GLY A 81 -18.94 9.20 -9.22
CA GLY A 81 -17.97 8.99 -10.25
C GLY A 81 -16.55 9.12 -9.74
N VAL A 82 -15.61 9.04 -10.70
CA VAL A 82 -14.16 9.21 -10.39
C VAL A 82 -13.75 10.66 -10.70
N TRP A 83 -13.16 11.32 -9.71
CA TRP A 83 -12.71 12.69 -9.78
C TRP A 83 -11.18 12.77 -9.75
N ILE A 84 -10.60 13.64 -10.57
CA ILE A 84 -9.15 13.78 -10.64
C ILE A 84 -8.75 15.25 -10.59
N SER A 85 -7.84 15.59 -9.65
CA SER A 85 -7.10 16.86 -9.68
C SER A 85 -5.66 16.57 -10.13
N THR A 86 -5.27 17.09 -11.28
CA THR A 86 -3.91 16.84 -11.75
C THR A 86 -2.90 17.79 -11.13
N ASN A 87 -1.69 17.28 -11.00
CA ASN A 87 -0.53 18.00 -10.48
C ASN A 87 -0.07 19.03 -11.52
N ASN A 88 0.01 20.27 -11.10
CA ASN A 88 0.45 21.37 -11.97
C ASN A 88 1.96 21.46 -12.09
N GLY A 89 2.70 20.72 -11.27
CA GLY A 89 4.17 20.63 -11.36
C GLY A 89 4.95 21.48 -10.36
N ASN A 90 4.24 22.39 -9.68
CA ASN A 90 4.82 23.43 -8.82
C ASN A 90 4.22 23.50 -7.40
N ASN A 91 3.96 22.35 -6.82
CA ASN A 91 3.35 22.25 -5.50
C ASN A 91 1.92 22.82 -5.49
N THR A 92 1.27 22.74 -6.66
CA THR A 92 -0.16 23.07 -6.75
C THR A 92 -0.82 22.01 -7.61
N PHE A 93 -2.16 21.96 -7.50
CA PHE A 93 -3.02 21.01 -8.18
C PHE A 93 -4.22 21.74 -8.75
N VAL A 94 -4.81 21.17 -9.80
CA VAL A 94 -6.03 21.70 -10.38
C VAL A 94 -7.16 21.61 -9.38
N ASP A 95 -7.88 22.73 -9.17
CA ASP A 95 -8.97 22.80 -8.19
C ASP A 95 -10.04 23.69 -8.84
N PRO A 96 -11.23 23.14 -9.09
CA PRO A 96 -11.71 21.81 -8.71
C PRO A 96 -11.20 20.66 -9.56
N PRO A 97 -11.35 19.43 -9.04
CA PRO A 97 -11.16 18.27 -9.85
C PRO A 97 -12.26 18.16 -10.90
N LYS A 98 -12.00 17.36 -11.91
CA LYS A 98 -12.96 17.00 -12.92
C LYS A 98 -13.38 15.53 -12.77
N MET A 99 -14.61 15.21 -13.16
CA MET A 99 -15.10 13.85 -13.13
C MET A 99 -14.77 13.15 -14.45
N VAL A 100 -13.98 12.10 -14.42
CA VAL A 100 -13.52 11.44 -15.63
C VAL A 100 -14.33 10.22 -16.02
N LEU A 101 -15.09 9.67 -15.08
CA LEU A 101 -15.90 8.47 -15.33
C LEU A 101 -17.00 8.29 -14.30
N ALA A 102 -18.24 8.10 -14.77
CA ALA A 102 -19.40 7.87 -13.90
C ALA A 102 -19.49 6.37 -13.61
N ASN A 103 -18.54 5.87 -12.83
CA ASN A 103 -18.50 4.45 -12.45
C ASN A 103 -17.54 4.33 -11.27
N PHE A 104 -17.36 3.10 -10.77
CA PHE A 104 -16.49 2.81 -9.62
C PHE A 104 -16.89 3.64 -8.40
N ALA A 105 -18.20 3.91 -8.19
CA ALA A 105 -18.64 4.83 -7.11
C ALA A 105 -19.86 4.28 -6.40
N TYR A 106 -20.07 4.83 -5.21
CA TYR A 106 -21.13 4.43 -4.34
C TYR A 106 -22.47 4.42 -5.07
N ALA A 107 -22.75 5.50 -5.79
CA ALA A 107 -24.01 5.64 -6.54
C ALA A 107 -23.80 5.59 -8.05
N ALA A 108 -22.67 5.04 -8.51
CA ALA A 108 -22.48 4.75 -9.92
C ALA A 108 -21.78 3.40 -10.02
N GLY A 109 -22.59 2.36 -10.19
CA GLY A 109 -22.13 0.97 -10.20
C GLY A 109 -22.27 0.25 -8.88
N GLY A 110 -22.75 0.95 -7.86
CA GLY A 110 -23.02 0.31 -6.57
C GLY A 110 -21.76 -0.19 -5.83
N TRP A 111 -20.68 0.58 -5.92
CA TRP A 111 -19.39 0.15 -5.34
C TRP A 111 -19.47 0.39 -3.85
N ARG A 112 -18.87 -0.53 -3.10
CA ARG A 112 -18.93 -0.49 -1.64
C ARG A 112 -17.57 -0.77 -1.00
N VAL A 113 -17.19 0.07 -0.04
CA VAL A 113 -15.92 -0.11 0.71
C VAL A 113 -15.92 -1.45 1.43
N GLU A 114 -17.09 -1.94 1.81
CA GLU A 114 -17.15 -3.22 2.53
C GLU A 114 -17.14 -4.46 1.66
N LYS A 115 -17.25 -4.30 0.36
CA LYS A 115 -17.32 -5.43 -0.58
C LYS A 115 -16.26 -5.46 -1.68
N HIS A 116 -15.71 -4.27 -2.02
CA HIS A 116 -14.99 -4.10 -3.25
C HIS A 116 -13.67 -3.38 -2.99
N ILE A 117 -12.73 -3.53 -3.92
CA ILE A 117 -11.41 -2.86 -3.83
C ILE A 117 -11.18 -1.99 -5.07
N ARG A 118 -10.71 -0.77 -4.85
CA ARG A 118 -10.41 0.17 -5.94
C ARG A 118 -8.99 0.70 -5.83
N PHE A 119 -8.22 0.46 -6.90
CA PHE A 119 -6.86 0.88 -7.07
C PHE A 119 -6.70 1.66 -8.38
N MET A 120 -5.61 2.42 -8.45
CA MET A 120 -5.08 2.97 -9.72
C MET A 120 -3.72 2.31 -10.05
N ALA A 121 -3.53 1.88 -11.29
CA ALA A 121 -2.28 1.21 -11.68
C ALA A 121 -2.04 1.29 -13.17
N ASP A 122 -0.77 1.41 -13.55
CA ASP A 122 -0.38 1.40 -14.97
C ASP A 122 -0.29 -0.07 -15.36
N LEU A 123 -1.36 -0.58 -15.94
CA LEU A 123 -1.49 -2.00 -16.21
C LEU A 123 -1.06 -2.40 -17.62
N ARG A 124 -0.77 -1.42 -18.48
CA ARG A 124 -0.53 -1.69 -19.91
C ARG A 124 0.76 -1.05 -20.43
N LYS A 125 1.62 -0.65 -19.52
CA LYS A 125 2.90 0.01 -19.85
C LYS A 125 2.74 1.24 -20.72
N THR A 126 1.74 2.06 -20.39
CA THR A 126 1.51 3.32 -21.12
C THR A 126 2.18 4.50 -20.43
N GLY A 127 2.61 4.29 -19.19
CA GLY A 127 3.10 5.33 -18.31
C GLY A 127 1.99 6.02 -17.51
N ARG A 128 0.73 5.65 -17.74
CA ARG A 128 -0.43 6.32 -17.12
C ARG A 128 -1.21 5.29 -16.28
N ALA A 129 -1.78 5.69 -15.15
CA ALA A 129 -2.59 4.79 -14.30
C ALA A 129 -3.99 4.61 -14.83
N ASP A 130 -4.35 3.35 -15.07
CA ASP A 130 -5.72 2.91 -15.35
C ASP A 130 -6.47 2.75 -14.01
N ILE A 131 -7.80 2.76 -14.09
CA ILE A 131 -8.64 2.50 -12.91
C ILE A 131 -8.85 0.99 -12.88
N VAL A 132 -8.54 0.37 -11.73
CA VAL A 132 -8.73 -1.09 -11.55
C VAL A 132 -9.60 -1.37 -10.31
N GLY A 133 -10.65 -2.16 -10.51
CA GLY A 133 -11.61 -2.44 -9.45
C GLY A 133 -11.94 -3.93 -9.36
N PHE A 134 -11.84 -4.45 -8.15
CA PHE A 134 -12.29 -5.78 -7.81
C PHE A 134 -13.74 -5.59 -7.34
N GLY A 135 -14.66 -5.89 -8.24
CA GLY A 135 -16.05 -5.56 -8.07
C GLY A 135 -16.87 -6.81 -7.80
N ASP A 136 -18.06 -6.85 -8.37
CA ASP A 136 -18.92 -8.00 -8.18
C ASP A 136 -18.63 -9.15 -9.14
N GLY A 137 -18.61 -8.90 -10.43
CA GLY A 137 -18.47 -9.99 -11.40
C GLY A 137 -17.02 -10.40 -11.71
N GLY A 138 -16.06 -9.64 -11.16
CA GLY A 138 -14.67 -9.89 -11.37
C GLY A 138 -13.88 -8.60 -11.21
N ILE A 139 -12.78 -8.50 -11.96
CA ILE A 139 -11.97 -7.31 -12.02
C ILE A 139 -12.37 -6.50 -13.24
N TYR A 140 -12.65 -5.22 -13.01
CA TYR A 140 -12.99 -4.26 -14.06
C TYR A 140 -11.88 -3.24 -14.21
N ILE A 141 -11.59 -2.90 -15.48
CA ILE A 141 -10.61 -1.88 -15.78
C ILE A 141 -11.27 -0.81 -16.65
N SER A 142 -10.97 0.44 -16.33
CA SER A 142 -11.23 1.55 -17.25
C SER A 142 -9.88 2.03 -17.75
N ARG A 143 -9.67 1.91 -19.05
CA ARG A 143 -8.44 2.38 -19.68
C ARG A 143 -8.25 3.89 -19.65
N ASN A 144 -7.09 4.31 -19.17
CA ASN A 144 -6.65 5.71 -19.25
C ASN A 144 -6.08 5.92 -20.63
N ASN A 145 -6.85 6.56 -21.51
CA ASN A 145 -6.42 6.76 -22.89
C ASN A 145 -5.70 8.10 -23.09
N GLY A 146 -5.38 8.76 -21.99
CA GLY A 146 -4.67 10.03 -21.98
C GLY A 146 -5.60 11.21 -22.16
N GLY A 147 -5.05 12.41 -21.94
CA GLY A 147 -5.83 13.65 -21.96
C GLY A 147 -7.07 13.66 -21.09
N GLY A 148 -7.02 12.91 -19.99
CA GLY A 148 -8.12 12.77 -19.09
C GLY A 148 -9.26 11.91 -19.59
N GLN A 149 -9.03 11.15 -20.68
CA GLN A 149 -10.08 10.36 -21.29
C GLN A 149 -9.99 8.94 -20.75
N PHE A 150 -11.01 8.54 -19.98
CA PHE A 150 -11.10 7.18 -19.45
C PHE A 150 -12.23 6.45 -20.15
N ALA A 151 -11.94 5.24 -20.61
CA ALA A 151 -12.91 4.47 -21.39
C ALA A 151 -13.92 3.76 -20.48
N PRO A 152 -15.10 3.41 -21.03
CA PRO A 152 -16.05 2.67 -20.24
C PRO A 152 -15.40 1.41 -19.64
N ALA A 153 -15.84 1.07 -18.44
CA ALA A 153 -15.25 -0.09 -17.73
C ALA A 153 -15.49 -1.38 -18.50
N GLN A 154 -14.52 -2.28 -18.51
CA GLN A 154 -14.66 -3.58 -19.14
C GLN A 154 -14.15 -4.63 -18.17
N LEU A 155 -14.72 -5.83 -18.25
CA LEU A 155 -14.26 -6.95 -17.43
C LEU A 155 -12.86 -7.40 -17.90
N ALA A 156 -11.90 -7.26 -17.01
CA ALA A 156 -10.55 -7.75 -17.20
C ALA A 156 -10.39 -9.24 -16.93
N LEU A 157 -11.12 -9.75 -15.93
CA LEU A 157 -11.09 -11.17 -15.56
C LEU A 157 -12.34 -11.49 -14.77
N ASN A 158 -13.03 -12.60 -15.08
CA ASN A 158 -14.15 -13.02 -14.24
C ASN A 158 -13.70 -13.81 -13.00
N ASN A 159 -12.86 -13.20 -12.17
CA ASN A 159 -12.42 -13.82 -10.95
C ASN A 159 -11.96 -12.77 -9.98
N PHE A 160 -11.72 -13.18 -8.73
CA PHE A 160 -11.31 -12.26 -7.65
C PHE A 160 -12.38 -11.24 -7.30
N GLY A 161 -13.63 -11.57 -7.68
CA GLY A 161 -14.77 -10.67 -7.44
C GLY A 161 -15.70 -11.27 -6.39
N TYR A 162 -16.63 -10.42 -5.94
CA TYR A 162 -17.56 -10.84 -4.89
C TYR A 162 -18.34 -12.07 -5.35
N ALA A 163 -18.70 -12.13 -6.64
CA ALA A 163 -19.42 -13.26 -7.22
C ALA A 163 -18.65 -14.57 -7.17
N GLN A 164 -17.30 -14.49 -7.15
CA GLN A 164 -16.44 -15.65 -6.98
C GLN A 164 -16.04 -15.91 -5.52
N GLY A 165 -16.81 -15.32 -4.60
CA GLY A 165 -16.68 -15.60 -3.19
C GLY A 165 -15.65 -14.82 -2.42
N TRP A 166 -15.02 -13.83 -3.05
CA TRP A 166 -13.98 -13.04 -2.40
C TRP A 166 -14.59 -12.06 -1.39
N ARG A 167 -14.05 -12.06 -0.17
CA ARG A 167 -14.56 -11.30 0.97
C ARG A 167 -13.44 -10.61 1.73
N LEU A 168 -13.64 -9.35 2.06
CA LEU A 168 -12.66 -8.56 2.80
C LEU A 168 -12.40 -9.08 4.21
N ASP A 169 -13.31 -9.87 4.79
CA ASP A 169 -13.06 -10.36 6.13
C ASP A 169 -12.35 -11.73 6.13
N ARG A 170 -12.05 -12.26 4.94
CA ARG A 170 -11.43 -13.60 4.80
C ARG A 170 -10.19 -13.70 3.90
N HIS A 171 -10.13 -12.82 2.91
CA HIS A 171 -9.24 -12.94 1.73
C HIS A 171 -8.43 -11.65 1.55
N LEU A 172 -7.35 -11.77 0.78
CA LEU A 172 -6.48 -10.62 0.45
C LEU A 172 -6.23 -10.57 -1.03
N ARG A 173 -6.22 -9.37 -1.61
CA ARG A 173 -5.91 -9.22 -3.03
C ARG A 173 -4.83 -8.13 -3.21
N PHE A 174 -3.84 -8.40 -4.08
CA PHE A 174 -2.71 -7.53 -4.36
C PHE A 174 -2.51 -7.41 -5.89
N LEU A 175 -1.79 -6.38 -6.32
CA LEU A 175 -1.20 -6.34 -7.63
C LEU A 175 0.33 -6.30 -7.43
N ALA A 176 1.02 -7.20 -8.11
CA ALA A 176 2.47 -7.35 -8.02
C ALA A 176 3.01 -8.16 -9.20
N ASP A 177 4.19 -7.81 -9.68
CA ASP A 177 4.80 -8.62 -10.73
C ASP A 177 5.44 -9.90 -10.18
N VAL A 178 4.87 -11.03 -10.54
CA VAL A 178 5.38 -12.34 -10.15
C VAL A 178 6.06 -13.11 -11.29
N THR A 179 6.18 -12.50 -12.46
CA THR A 179 6.81 -13.15 -13.63
C THR A 179 8.10 -12.48 -14.07
N GLY A 180 8.26 -11.17 -13.82
CA GLY A 180 9.49 -10.45 -14.11
C GLY A 180 9.42 -9.59 -15.37
N ASP A 181 8.26 -9.56 -16.03
CA ASP A 181 8.09 -8.71 -17.22
C ASP A 181 7.74 -7.27 -16.90
N GLY A 182 7.60 -6.94 -15.61
CA GLY A 182 7.31 -5.59 -15.20
C GLY A 182 5.83 -5.27 -15.21
N LEU A 183 5.00 -6.21 -15.69
CA LEU A 183 3.57 -6.01 -15.61
C LEU A 183 3.07 -6.51 -14.24
N LEU A 184 2.20 -5.76 -13.60
CA LEU A 184 1.60 -6.21 -12.31
C LEU A 184 0.54 -7.28 -12.55
N ASP A 185 0.72 -8.42 -11.89
CA ASP A 185 -0.20 -9.54 -11.92
C ASP A 185 -1.12 -9.50 -10.68
N VAL A 186 -2.19 -10.29 -10.68
CA VAL A 186 -3.03 -10.40 -9.49
C VAL A 186 -2.43 -11.47 -8.60
N VAL A 187 -2.29 -11.20 -7.31
CA VAL A 187 -2.07 -12.22 -6.30
C VAL A 187 -3.25 -12.18 -5.30
N GLY A 188 -3.90 -13.33 -5.12
CA GLY A 188 -5.08 -13.41 -4.32
C GLY A 188 -4.97 -14.55 -3.31
N PHE A 189 -5.13 -14.22 -2.03
CA PHE A 189 -5.13 -15.20 -0.95
C PHE A 189 -6.60 -15.50 -0.71
N GLY A 190 -7.05 -16.65 -1.26
CA GLY A 190 -8.48 -17.02 -1.24
C GLY A 190 -8.85 -17.92 -0.14
N GLU A 191 -9.94 -18.65 -0.36
CA GLU A 191 -10.47 -19.53 0.68
C GLU A 191 -9.50 -20.61 1.10
N ASN A 192 -8.96 -21.34 0.14
CA ASN A 192 -7.96 -22.36 0.47
C ASN A 192 -6.73 -22.40 -0.41
N GLN A 193 -6.58 -21.44 -1.32
CA GLN A 193 -5.38 -21.34 -2.11
C GLN A 193 -5.00 -19.89 -2.36
N VAL A 194 -3.69 -19.69 -2.49
CA VAL A 194 -3.14 -18.47 -3.09
C VAL A 194 -3.22 -18.70 -4.60
N TYR A 195 -3.78 -17.72 -5.31
CA TYR A 195 -3.88 -17.75 -6.77
C TYR A 195 -3.12 -16.58 -7.37
N ILE A 196 -2.61 -16.77 -8.58
CA ILE A 196 -2.12 -15.65 -9.36
C ILE A 196 -2.90 -15.61 -10.68
N ALA A 197 -2.99 -14.42 -11.25
CA ALA A 197 -3.52 -14.26 -12.64
C ALA A 197 -2.54 -13.33 -13.37
N ARG A 198 -1.96 -13.83 -14.46
CA ARG A 198 -0.93 -13.14 -15.23
C ARG A 198 -1.55 -12.03 -16.02
N ASN A 199 -1.00 -10.84 -15.85
CA ASN A 199 -1.38 -9.67 -16.64
C ASN A 199 -0.88 -9.85 -18.08
N SER A 200 -1.79 -9.82 -19.04
CA SER A 200 -1.40 -9.94 -20.45
C SER A 200 -0.89 -8.60 -21.04
N GLY A 201 -1.14 -7.51 -20.36
CA GLY A 201 -0.65 -6.19 -20.77
C GLY A 201 -1.62 -5.45 -21.69
N ASN A 202 -2.81 -6.02 -21.91
CA ASN A 202 -3.79 -5.47 -22.81
C ASN A 202 -5.14 -5.19 -22.11
N GLY A 203 -5.13 -5.03 -20.79
CA GLY A 203 -6.35 -4.80 -20.05
C GLY A 203 -7.11 -6.08 -19.65
N THR A 204 -6.47 -7.22 -19.83
CA THR A 204 -7.00 -8.51 -19.35
C THR A 204 -5.94 -9.26 -18.57
N PHE A 205 -6.43 -10.13 -17.70
CA PHE A 205 -5.62 -11.13 -17.04
C PHE A 205 -5.98 -12.53 -17.52
N GLN A 206 -5.00 -13.41 -17.44
CA GLN A 206 -5.14 -14.82 -17.78
C GLN A 206 -5.88 -15.55 -16.69
N PRO A 207 -6.49 -16.70 -17.04
CA PRO A 207 -7.20 -17.44 -16.02
C PRO A 207 -6.34 -17.67 -14.74
N ALA A 208 -7.02 -17.57 -13.60
CA ALA A 208 -6.33 -17.66 -12.31
C ALA A 208 -5.74 -19.06 -12.14
N GLN A 209 -4.57 -19.15 -11.54
CA GLN A 209 -3.86 -20.40 -11.32
C GLN A 209 -3.53 -20.51 -9.84
N ALA A 210 -3.91 -21.62 -9.21
CA ALA A 210 -3.61 -21.85 -7.81
C ALA A 210 -2.13 -22.17 -7.71
N VAL A 211 -1.44 -21.54 -6.75
CA VAL A 211 0.02 -21.72 -6.65
C VAL A 211 0.50 -22.20 -5.27
N VAL A 212 -0.27 -21.92 -4.20
CA VAL A 212 0.08 -22.31 -2.84
C VAL A 212 -1.14 -22.71 -2.03
N ASN A 213 -1.06 -23.88 -1.38
CA ASN A 213 -2.13 -24.37 -0.51
C ASN A 213 -1.77 -24.07 0.94
N ASN A 214 -1.74 -22.77 1.23
CA ASN A 214 -1.37 -22.26 2.55
C ASN A 214 -1.65 -20.79 2.55
N PHE A 215 -1.38 -20.13 3.68
CA PHE A 215 -1.56 -18.68 3.85
C PHE A 215 -3.02 -18.22 3.74
N CYS A 216 -3.98 -19.14 3.88
CA CYS A 216 -5.40 -18.82 3.71
C CYS A 216 -6.24 -19.25 4.91
N ILE A 217 -7.41 -18.64 5.01
CA ILE A 217 -8.35 -18.95 6.06
C ILE A 217 -8.64 -20.47 6.16
N GLY A 218 -8.81 -21.12 5.01
CA GLY A 218 -9.01 -22.56 4.95
C GLY A 218 -7.78 -23.39 4.52
N ALA A 219 -6.58 -22.82 4.61
CA ALA A 219 -5.34 -23.55 4.38
C ALA A 219 -4.30 -23.00 5.35
N GLY A 220 -4.25 -23.58 6.53
CA GLY A 220 -3.34 -23.15 7.59
C GLY A 220 -3.92 -22.20 8.59
N GLY A 221 -5.22 -21.91 8.50
CA GLY A 221 -5.89 -21.11 9.51
C GLY A 221 -5.44 -19.67 9.66
N TRP A 222 -5.14 -19.06 8.52
CA TRP A 222 -4.70 -17.67 8.44
C TRP A 222 -5.90 -16.73 8.44
N THR A 223 -5.95 -15.86 9.44
CA THR A 223 -7.07 -14.95 9.61
C THR A 223 -6.65 -13.50 9.38
N ILE A 224 -7.58 -12.72 8.88
CA ILE A 224 -7.39 -11.29 8.70
C ILE A 224 -7.11 -10.63 10.04
N SER A 225 -7.77 -11.07 11.11
CA SER A 225 -7.58 -10.37 12.40
C SER A 225 -6.29 -10.71 13.14
N ALA A 226 -5.62 -11.83 12.84
CA ALA A 226 -4.39 -12.23 13.54
C ALA A 226 -3.14 -12.38 12.71
N HIS A 227 -3.28 -12.60 11.40
CA HIS A 227 -2.16 -13.11 10.58
C HIS A 227 -1.96 -12.37 9.25
N PRO A 228 -1.34 -11.18 9.30
CA PRO A 228 -1.10 -10.40 8.10
C PRO A 228 -0.13 -11.07 7.14
N ARG A 229 -0.38 -10.86 5.85
CA ARG A 229 0.41 -11.38 4.76
C ARG A 229 0.72 -10.23 3.82
N VAL A 230 1.88 -10.32 3.19
CA VAL A 230 2.37 -9.36 2.22
C VAL A 230 2.97 -10.11 1.05
N VAL A 231 3.22 -9.34 -0.03
CA VAL A 231 3.86 -9.85 -1.22
C VAL A 231 5.01 -8.86 -1.47
N ALA A 232 6.22 -9.38 -1.64
CA ALA A 232 7.41 -8.55 -1.83
C ALA A 232 8.55 -9.39 -2.36
N ASP A 233 9.48 -8.71 -3.01
CA ASP A 233 10.70 -9.37 -3.53
C ASP A 233 11.70 -9.61 -2.39
N LEU A 234 11.88 -10.89 -2.05
CA LEU A 234 12.80 -11.32 -1.00
C LEU A 234 14.18 -11.75 -1.49
N THR A 235 14.39 -11.74 -2.80
CA THR A 235 15.63 -12.32 -3.38
C THR A 235 16.41 -11.39 -4.30
N GLY A 236 15.81 -10.28 -4.74
CA GLY A 236 16.48 -9.32 -5.60
C GLY A 236 16.28 -9.52 -7.12
N ASP A 237 15.49 -10.50 -7.57
CA ASP A 237 15.22 -10.65 -9.01
C ASP A 237 14.00 -9.87 -9.52
N ARG A 238 13.44 -9.02 -8.67
CA ARG A 238 12.27 -8.17 -8.97
C ARG A 238 10.96 -8.91 -9.16
N LYS A 239 10.94 -10.20 -8.83
CA LYS A 239 9.72 -11.00 -8.83
C LYS A 239 9.27 -11.20 -7.38
N ALA A 240 7.99 -10.98 -7.14
CA ALA A 240 7.44 -11.01 -5.80
C ALA A 240 7.36 -12.41 -5.22
N ASP A 241 7.70 -12.49 -3.93
CA ASP A 241 7.53 -13.69 -3.13
C ASP A 241 6.40 -13.45 -2.12
N ILE A 242 6.04 -14.48 -1.41
CA ILE A 242 5.01 -14.40 -0.36
C ILE A 242 5.59 -14.50 1.03
N LEU A 243 5.16 -13.61 1.92
CA LEU A 243 5.59 -13.60 3.33
C LEU A 243 4.37 -13.41 4.22
N GLY A 244 4.24 -14.27 5.23
CA GLY A 244 3.15 -14.17 6.18
C GLY A 244 3.62 -14.18 7.64
N PHE A 245 2.96 -13.36 8.44
CA PHE A 245 3.18 -13.30 9.91
C PHE A 245 2.13 -14.20 10.53
N GLY A 246 2.52 -15.43 10.80
CA GLY A 246 1.64 -16.49 11.32
C GLY A 246 1.74 -16.64 12.83
N VAL A 247 1.41 -17.83 13.34
CA VAL A 247 1.38 -18.00 14.80
C VAL A 247 2.78 -18.13 15.36
N ALA A 248 3.57 -19.02 14.79
CA ALA A 248 4.93 -19.28 15.30
C ALA A 248 5.95 -18.19 14.90
N GLY A 249 5.70 -17.52 13.78
CA GLY A 249 6.56 -16.43 13.34
C GLY A 249 6.34 -16.25 11.85
N VAL A 250 7.42 -16.01 11.14
CA VAL A 250 7.38 -15.64 9.70
C VAL A 250 7.52 -16.86 8.81
N TYR A 251 6.54 -17.03 7.90
CA TYR A 251 6.54 -18.05 6.86
C TYR A 251 6.65 -17.39 5.49
N THR A 252 7.44 -18.02 4.63
CA THR A 252 7.58 -17.57 3.25
C THR A 252 7.30 -18.71 2.28
N SER A 253 6.94 -18.32 1.08
CA SER A 253 6.97 -19.22 -0.10
C SER A 253 7.64 -18.39 -1.21
N LEU A 254 8.79 -18.88 -1.68
CA LEU A 254 9.58 -18.18 -2.66
C LEU A 254 9.15 -18.51 -4.10
N ASN A 255 9.05 -17.46 -4.92
CA ASN A 255 8.75 -17.56 -6.35
C ASN A 255 9.87 -18.38 -7.01
N ASN A 256 9.51 -19.38 -7.80
CA ASN A 256 10.48 -20.19 -8.58
C ASN A 256 11.12 -19.40 -9.73
N GLY A 257 10.53 -18.25 -10.06
CA GLY A 257 11.06 -17.35 -11.09
C GLY A 257 10.10 -17.15 -12.22
N ASN A 258 9.04 -17.95 -12.24
CA ASN A 258 8.07 -17.90 -13.31
C ASN A 258 6.64 -17.75 -12.81
N GLY A 259 6.47 -17.32 -11.57
CA GLY A 259 5.16 -17.15 -10.99
C GLY A 259 4.53 -18.42 -10.47
N THR A 260 5.28 -19.51 -10.44
CA THR A 260 4.95 -20.63 -9.58
C THR A 260 5.80 -20.50 -8.34
N PHE A 261 5.41 -21.22 -7.30
CA PHE A 261 5.91 -20.98 -5.96
C PHE A 261 6.40 -22.26 -5.27
N GLY A 262 7.41 -22.10 -4.41
CA GLY A 262 8.02 -23.21 -3.67
C GLY A 262 7.30 -23.52 -2.35
N ALA A 263 7.94 -24.40 -1.59
CA ALA A 263 7.42 -24.90 -0.33
C ALA A 263 7.29 -23.79 0.67
N VAL A 264 6.34 -23.92 1.56
CA VAL A 264 6.17 -22.94 2.64
C VAL A 264 7.04 -23.29 3.82
N ASN A 265 7.85 -22.34 4.28
CA ASN A 265 8.80 -22.58 5.36
C ASN A 265 8.71 -21.53 6.44
N LEU A 266 8.78 -21.95 7.70
CA LEU A 266 8.98 -21.05 8.81
C LEU A 266 10.43 -20.57 8.77
N VAL A 267 10.64 -19.28 8.52
CA VAL A 267 12.01 -18.76 8.38
C VAL A 267 12.50 -17.94 9.60
N LEU A 268 11.61 -17.55 10.49
CA LEU A 268 11.98 -16.74 11.64
C LEU A 268 10.95 -16.92 12.74
N LYS A 269 11.39 -17.39 13.91
CA LYS A 269 10.45 -17.53 15.04
C LYS A 269 10.25 -16.22 15.81
N ASP A 270 9.81 -15.18 15.12
CA ASP A 270 9.48 -13.91 15.72
C ASP A 270 8.45 -13.27 14.82
N PHE A 271 7.93 -12.13 15.28
CA PHE A 271 6.90 -11.30 14.65
C PHE A 271 5.56 -11.97 14.50
N GLY A 272 5.36 -13.09 15.23
CA GLY A 272 4.08 -13.82 15.09
C GLY A 272 3.33 -13.78 16.40
N VAL A 273 2.16 -14.41 16.41
CA VAL A 273 1.27 -14.34 17.58
C VAL A 273 2.01 -14.88 18.85
N ASN A 274 2.76 -15.94 18.68
CA ASN A 274 3.45 -16.57 19.81
C ASN A 274 4.54 -15.70 20.43
N SER A 275 5.02 -14.70 19.68
CA SER A 275 5.95 -13.72 20.23
C SER A 275 5.26 -12.45 20.73
N GLY A 276 3.92 -12.47 20.80
CA GLY A 276 3.14 -11.36 21.31
C GLY A 276 2.65 -10.33 20.33
N TRP A 277 2.85 -10.57 19.03
CA TRP A 277 2.44 -9.61 18.04
C TRP A 277 0.95 -9.68 17.75
N ARG A 278 0.35 -8.50 17.72
CA ARG A 278 -1.09 -8.33 17.60
C ARG A 278 -1.43 -7.27 16.56
N VAL A 279 -2.36 -7.61 15.67
CA VAL A 279 -2.84 -6.64 14.65
C VAL A 279 -3.37 -5.38 15.31
N GLU A 280 -4.04 -5.51 16.47
CA GLU A 280 -4.64 -4.33 17.11
C GLU A 280 -3.62 -3.43 17.76
N LYS A 281 -2.41 -3.92 18.00
CA LYS A 281 -1.40 -3.14 18.73
C LYS A 281 -0.19 -2.73 17.88
N HIS A 282 0.05 -3.46 16.80
CA HIS A 282 1.39 -3.45 16.18
C HIS A 282 1.29 -3.31 14.68
N VAL A 283 2.35 -2.80 14.07
CA VAL A 283 2.43 -2.66 12.62
C VAL A 283 3.57 -3.52 12.08
N ARG A 284 3.32 -4.30 11.02
CA ARG A 284 4.36 -5.17 10.47
C ARG A 284 4.42 -4.97 8.97
N CYS A 285 5.65 -4.82 8.47
CA CYS A 285 5.95 -4.30 7.14
C CYS A 285 7.14 -5.09 6.59
N VAL A 286 7.24 -5.10 5.26
CA VAL A 286 8.43 -5.59 4.55
C VAL A 286 8.84 -4.50 3.57
N SER A 287 10.10 -4.09 3.65
CA SER A 287 10.64 -3.05 2.76
C SER A 287 12.15 -3.19 2.73
N SER A 288 12.78 -2.57 1.74
CA SER A 288 14.21 -2.66 1.57
C SER A 288 14.92 -1.64 2.43
N LEU A 289 15.71 -2.12 3.40
CA LEU A 289 16.45 -1.28 4.38
C LEU A 289 17.98 -1.20 4.13
N THR A 290 18.45 -1.92 3.13
CA THR A 290 19.89 -2.10 2.83
C THR A 290 20.19 -2.03 1.34
N ASN A 291 21.47 -2.02 1.01
CA ASN A 291 21.90 -1.99 -0.38
C ASN A 291 21.70 -3.31 -1.12
N LYS A 292 21.30 -4.37 -0.40
CA LYS A 292 20.87 -5.60 -1.07
C LYS A 292 19.56 -5.47 -1.85
N LYS A 293 18.74 -4.46 -1.54
CA LYS A 293 17.52 -4.16 -2.30
C LYS A 293 16.56 -5.37 -2.32
N VAL A 294 16.36 -5.94 -1.15
CA VAL A 294 15.46 -7.08 -0.93
C VAL A 294 14.57 -6.72 0.27
N GLY A 295 13.51 -7.48 0.47
CA GLY A 295 12.59 -7.23 1.58
C GLY A 295 13.19 -7.62 2.92
N ASP A 296 13.34 -6.62 3.77
CA ASP A 296 13.66 -6.79 5.17
C ASP A 296 12.39 -6.67 6.03
N ILE A 297 12.41 -7.20 7.24
CA ILE A 297 11.20 -7.19 8.07
C ILE A 297 11.29 -6.06 9.11
N ILE A 298 10.24 -5.27 9.20
CA ILE A 298 10.13 -4.23 10.19
C ILE A 298 8.85 -4.39 10.96
N GLY A 299 8.98 -4.36 12.29
CA GLY A 299 7.80 -4.39 13.15
C GLY A 299 7.81 -3.30 14.20
N PHE A 300 6.70 -2.58 14.28
CA PHE A 300 6.48 -1.60 15.34
C PHE A 300 5.80 -2.34 16.49
N GLY A 301 6.60 -2.69 17.49
CA GLY A 301 6.13 -3.54 18.58
C GLY A 301 5.80 -2.74 19.83
N ASP A 302 6.01 -3.36 20.99
CA ASP A 302 5.71 -2.68 22.26
C ASP A 302 6.81 -1.69 22.63
N ALA A 303 8.06 -2.13 22.65
CA ALA A 303 9.15 -1.30 23.13
C ALA A 303 9.78 -0.38 22.08
N GLY A 304 9.37 -0.52 20.82
CA GLY A 304 9.95 0.25 19.76
C GLY A 304 9.87 -0.51 18.44
N VAL A 305 10.82 -0.21 17.57
CA VAL A 305 10.89 -0.76 16.23
C VAL A 305 11.93 -1.86 16.19
N TYR A 306 11.51 -3.01 15.65
CA TYR A 306 12.32 -4.21 15.54
C TYR A 306 12.55 -4.51 14.08
N VAL A 307 13.77 -4.90 13.73
CA VAL A 307 14.12 -5.17 12.36
C VAL A 307 14.88 -6.51 12.24
N ALA A 308 14.54 -7.26 11.20
CA ALA A 308 15.31 -8.44 10.84
C ALA A 308 15.77 -8.29 9.39
N LEU A 309 17.09 -8.30 9.19
CA LEU A 309 17.63 -8.09 7.88
C LEU A 309 17.76 -9.37 7.07
N ASN A 310 17.29 -9.29 5.83
CA ASN A 310 17.37 -10.37 4.83
C ASN A 310 18.83 -10.50 4.34
N ASN A 311 19.37 -11.73 4.37
CA ASN A 311 20.75 -11.99 3.89
C ASN A 311 20.92 -11.84 2.37
N GLY A 312 19.81 -11.66 1.66
CA GLY A 312 19.78 -11.49 0.21
C GLY A 312 19.03 -12.60 -0.51
N ASN A 313 18.78 -13.70 0.21
CA ASN A 313 18.18 -14.90 -0.35
C ASN A 313 16.86 -15.30 0.27
N GLY A 314 16.28 -14.44 1.08
CA GLY A 314 15.06 -14.80 1.80
C GLY A 314 15.23 -15.38 3.19
N THR A 315 16.46 -15.50 3.65
CA THR A 315 16.73 -15.91 5.04
C THR A 315 17.10 -14.68 5.82
N PHE A 316 16.81 -14.70 7.10
CA PHE A 316 16.85 -13.49 7.94
C PHE A 316 17.82 -13.58 9.10
N GLY A 317 18.47 -12.45 9.38
CA GLY A 317 19.37 -12.30 10.54
C GLY A 317 18.63 -12.14 11.83
N PRO A 318 19.36 -11.88 12.93
CA PRO A 318 18.74 -11.72 14.23
C PRO A 318 17.85 -10.50 14.26
N VAL A 319 16.84 -10.54 15.10
CA VAL A 319 15.95 -9.40 15.31
C VAL A 319 16.63 -8.42 16.26
N LYS A 320 16.65 -7.16 15.88
CA LYS A 320 17.22 -6.10 16.69
C LYS A 320 16.27 -4.95 16.85
N ARG A 321 16.25 -4.39 18.06
CA ARG A 321 15.48 -3.19 18.32
C ARG A 321 16.29 -2.00 17.86
N VAL A 322 15.87 -1.38 16.77
CA VAL A 322 16.69 -0.34 16.13
C VAL A 322 16.33 1.08 16.61
N ILE A 323 15.10 1.26 17.12
CA ILE A 323 14.66 2.56 17.60
C ILE A 323 13.80 2.29 18.84
N ASP A 324 14.10 2.99 19.95
CA ASP A 324 13.27 2.89 21.14
C ASP A 324 12.12 3.90 21.12
N ASN A 325 11.31 3.84 20.06
CA ASN A 325 10.18 4.71 19.89
C ASN A 325 9.30 4.18 18.76
N PHE A 326 8.19 4.89 18.51
CA PHE A 326 7.13 4.50 17.59
C PHE A 326 6.39 3.21 18.01
N GLY A 327 6.56 2.83 19.29
CA GLY A 327 5.99 1.61 19.84
C GLY A 327 4.78 1.82 20.68
N TYR A 328 4.01 0.74 20.88
CA TYR A 328 2.81 0.82 21.70
C TYR A 328 3.15 1.38 23.09
N ASN A 329 4.28 0.97 23.65
CA ASN A 329 4.67 1.44 25.01
C ASN A 329 4.84 2.97 25.05
N GLN A 330 5.31 3.57 23.94
CA GLN A 330 5.50 5.01 23.83
C GLN A 330 4.23 5.78 23.46
N GLY A 331 3.09 5.08 23.46
CA GLY A 331 1.77 5.69 23.32
C GLY A 331 1.21 5.66 21.89
N TRP A 332 1.97 5.05 20.97
CA TRP A 332 1.55 4.96 19.57
C TRP A 332 0.46 3.89 19.40
N ARG A 333 -0.57 4.25 18.64
CA ARG A 333 -1.79 3.43 18.51
C ARG A 333 -2.14 3.27 17.06
N VAL A 334 -2.47 2.04 16.70
CA VAL A 334 -2.88 1.71 15.32
C VAL A 334 -4.07 2.54 14.92
N ASP A 335 -4.98 2.82 15.84
CA ASP A 335 -6.20 3.56 15.47
C ASP A 335 -6.09 5.09 15.55
N LYS A 336 -4.88 5.60 15.85
CA LYS A 336 -4.66 7.04 15.85
C LYS A 336 -3.43 7.60 15.08
N HIS A 337 -2.41 6.78 14.85
CA HIS A 337 -1.05 7.25 14.56
C HIS A 337 -0.44 6.45 13.40
N PRO A 338 -0.79 6.84 12.17
CA PRO A 338 -0.19 6.19 11.00
C PRO A 338 1.33 6.17 11.02
N ARG A 339 1.87 5.01 10.69
CA ARG A 339 3.31 4.79 10.60
C ARG A 339 3.64 4.11 9.26
N PHE A 340 4.66 4.62 8.60
CA PHE A 340 5.08 4.13 7.30
C PHE A 340 6.56 3.87 7.24
N VAL A 341 6.94 2.88 6.42
CA VAL A 341 8.35 2.59 6.16
C VAL A 341 8.59 2.95 4.69
N VAL A 342 9.35 4.01 4.43
CA VAL A 342 9.37 4.64 3.11
C VAL A 342 10.71 5.37 2.98
N ASP A 343 11.27 5.39 1.79
CA ASP A 343 12.51 6.17 1.59
C ASP A 343 12.17 7.66 1.50
N LEU A 344 12.80 8.40 2.43
CA LEU A 344 12.67 9.81 2.59
C LEU A 344 13.95 10.57 2.14
N THR A 345 15.01 9.84 1.82
CA THR A 345 16.32 10.43 1.61
C THR A 345 16.96 10.15 0.26
N GLY A 346 16.42 9.21 -0.50
CA GLY A 346 16.86 8.90 -1.83
C GLY A 346 18.00 7.91 -1.99
N ASP A 347 18.44 7.28 -0.90
CA ASP A 347 19.53 6.30 -0.94
C ASP A 347 19.10 4.85 -1.25
N GLY A 348 17.79 4.60 -1.30
CA GLY A 348 17.23 3.26 -1.53
C GLY A 348 17.02 2.41 -0.27
N CYS A 349 17.34 2.99 0.89
CA CYS A 349 17.23 2.32 2.19
C CYS A 349 16.07 3.01 2.91
N ALA A 350 14.98 2.28 3.11
CA ALA A 350 13.74 2.88 3.63
C ALA A 350 13.95 3.45 5.02
N ASP A 351 13.28 4.56 5.27
CA ASP A 351 13.31 5.27 6.55
C ASP A 351 11.93 5.09 7.21
N ILE A 352 11.75 5.73 8.35
CA ILE A 352 10.49 5.64 9.12
C ILE A 352 9.86 7.02 9.29
N VAL A 353 8.55 7.10 9.06
CA VAL A 353 7.79 8.32 9.37
C VAL A 353 6.54 7.91 10.17
N GLY A 354 6.21 8.71 11.19
CA GLY A 354 5.04 8.47 12.01
C GLY A 354 4.29 9.75 12.31
N PHE A 355 2.96 9.69 12.12
CA PHE A 355 2.07 10.80 12.40
C PHE A 355 1.59 10.64 13.82
N GLY A 356 2.26 11.31 14.76
CA GLY A 356 2.03 11.09 16.19
C GLY A 356 0.81 11.84 16.72
N GLU A 357 0.68 11.84 18.04
CA GLU A 357 -0.43 12.53 18.68
C GLU A 357 -0.36 14.04 18.40
N ASN A 358 0.85 14.61 18.45
CA ASN A 358 1.06 16.03 18.31
C ASN A 358 1.93 16.46 17.13
N SER A 359 2.95 15.67 16.79
CA SER A 359 3.87 16.02 15.70
C SER A 359 4.10 14.81 14.80
N VAL A 360 4.51 15.11 13.57
CA VAL A 360 5.03 14.11 12.64
C VAL A 360 6.53 13.95 12.91
N TRP A 361 6.99 12.72 13.04
CA TRP A 361 8.36 12.38 13.37
C TRP A 361 8.95 11.48 12.31
N ALA A 362 10.22 11.67 12.00
CA ALA A 362 10.94 10.75 11.11
C ALA A 362 12.15 10.16 11.80
N CYS A 363 12.60 9.04 11.28
CA CYS A 363 13.85 8.45 11.73
C CYS A 363 14.57 7.86 10.53
N MET A 364 15.78 8.37 10.24
CA MET A 364 16.48 7.98 9.03
C MET A 364 17.33 6.72 9.17
N ASN A 365 17.22 5.86 8.17
CA ASN A 365 18.11 4.73 7.99
C ASN A 365 19.52 5.26 7.71
N LYS A 366 20.51 4.72 8.44
CA LYS A 366 21.95 5.07 8.24
C LYS A 366 22.49 4.55 6.93
N GLY A 367 21.77 3.61 6.29
CA GLY A 367 22.16 3.04 5.02
C GLY A 367 22.39 1.55 5.10
N ASP A 368 22.36 1.01 6.33
CA ASP A 368 22.65 -0.39 6.58
C ASP A 368 21.61 -1.09 7.41
N GLY A 369 20.43 -0.51 7.54
CA GLY A 369 19.40 -1.14 8.35
C GLY A 369 19.43 -0.79 9.82
N THR A 370 20.30 0.13 10.18
CA THR A 370 20.32 0.74 11.50
C THR A 370 19.89 2.17 11.34
N PHE A 371 19.49 2.81 12.45
CA PHE A 371 18.77 4.08 12.39
C PHE A 371 19.35 5.15 13.32
N GLY A 372 19.29 6.41 12.89
CA GLY A 372 19.74 7.52 13.69
C GLY A 372 18.66 7.99 14.65
N PRO A 373 18.80 9.24 15.11
CA PRO A 373 17.86 9.77 16.06
C PRO A 373 16.54 10.15 15.42
N ILE A 374 15.54 10.29 16.26
CA ILE A 374 14.22 10.74 15.84
C ILE A 374 14.31 12.24 15.55
N MET A 375 13.66 12.64 14.48
CA MET A 375 13.65 14.02 13.98
C MET A 375 12.21 14.49 13.96
N LYS A 376 11.95 15.68 14.52
CA LYS A 376 10.65 16.30 14.33
C LYS A 376 10.54 16.84 12.91
N LEU A 377 9.45 16.53 12.24
CA LEU A 377 9.18 17.14 10.93
C LEU A 377 8.33 18.36 11.07
N ILE A 378 7.12 18.19 11.64
CA ILE A 378 6.19 19.30 11.77
C ILE A 378 5.10 19.01 12.79
N ASP A 379 4.52 20.06 13.34
CA ASP A 379 3.38 19.97 14.25
C ASP A 379 2.08 20.18 13.53
N ASP A 380 1.73 19.21 12.68
CA ASP A 380 0.48 19.28 11.91
C ASP A 380 0.20 17.86 11.35
N MET A 381 -1.02 17.66 10.83
CA MET A 381 -1.49 16.36 10.31
C MET A 381 -1.55 15.29 11.37
N THR A 382 -1.86 15.71 12.60
CA THR A 382 -1.87 14.87 13.80
C THR A 382 -3.18 15.02 14.57
N VAL A 383 -3.37 14.15 15.57
CA VAL A 383 -4.60 14.11 16.35
C VAL A 383 -4.87 15.47 16.93
N SER A 384 -3.85 16.10 17.49
CA SER A 384 -4.10 17.35 18.23
C SER A 384 -4.38 18.54 17.28
N LYS A 385 -4.08 18.39 15.99
CA LYS A 385 -4.40 19.37 14.97
C LYS A 385 -5.65 19.02 14.16
N GLY A 386 -6.39 18.02 14.66
CA GLY A 386 -7.72 17.69 14.16
C GLY A 386 -7.79 16.57 13.14
N TRP A 387 -6.81 15.67 13.15
CA TRP A 387 -6.74 14.61 12.17
C TRP A 387 -7.00 13.27 12.86
N THR A 388 -8.06 12.58 12.46
CA THR A 388 -8.40 11.25 12.95
C THR A 388 -8.48 10.27 11.80
N LEU A 389 -8.32 8.98 12.10
CA LEU A 389 -8.45 7.92 11.11
C LEU A 389 -9.84 7.82 10.53
N GLN A 390 -10.83 8.12 11.34
CA GLN A 390 -12.21 8.00 10.92
C GLN A 390 -12.61 9.05 9.89
N LYS A 391 -11.97 10.22 9.93
CA LYS A 391 -12.38 11.36 9.10
C LYS A 391 -11.34 11.83 8.07
N THR A 392 -10.12 11.34 8.17
CA THR A 392 -9.04 11.79 7.27
C THR A 392 -8.29 10.60 6.70
N VAL A 393 -7.53 10.86 5.63
CA VAL A 393 -6.64 9.84 5.02
C VAL A 393 -5.26 10.45 4.87
N ARG A 394 -4.26 9.74 5.33
CA ARG A 394 -2.86 10.20 5.23
C ARG A 394 -1.96 9.15 4.57
N TYR A 395 -1.04 9.64 3.71
CA TYR A 395 -0.12 8.79 2.97
C TYR A 395 1.29 9.40 2.95
N ALA A 396 2.31 8.54 2.88
CA ALA A 396 3.57 8.92 2.20
C ALA A 396 3.39 8.65 0.69
N ALA A 397 3.84 9.55 -0.14
CA ALA A 397 3.66 9.40 -1.59
C ALA A 397 4.70 10.21 -2.33
N ASN A 398 5.14 9.71 -3.48
CA ASN A 398 6.09 10.47 -4.28
C ASN A 398 5.29 11.35 -5.24
N LEU A 399 5.08 12.60 -4.87
CA LEU A 399 4.35 13.55 -5.75
C LEU A 399 5.12 13.85 -7.02
N TYR A 400 6.45 13.93 -6.85
CA TYR A 400 7.41 14.14 -7.88
C TYR A 400 8.59 13.26 -7.44
N LEU A 401 9.28 12.86 -8.30
CA CA B . 16.68 6.46 3.15
CA CA C . 3.93 -9.89 -14.68
C1 SNG D . -19.99 16.09 -4.59
C2 SNG D . -18.57 15.56 -4.43
C3 SNG D . -17.69 16.81 -4.19
C4 SNG D . -17.83 17.79 -5.33
C5 SNG D . -19.26 18.10 -5.64
C6 SNG D . -19.36 18.88 -6.95
C7 SNG D . -18.34 13.36 -3.36
C8 SNG D . -18.12 12.65 -2.22
CM SNG D . -22.87 15.73 -5.04
N2 SNG D . -18.39 14.68 -3.25
O3 SNG D . -16.33 16.45 -4.04
O4 SNG D . -17.18 19.05 -5.05
O5 SNG D . -20.06 16.90 -5.75
O6 SNG D . -20.76 19.12 -7.26
O7 SNG D . -18.50 12.77 -4.41
SE SNG D . -21.23 14.62 -4.89
C1 SNG E . -20.10 -3.19 -12.60
C1 SNG E . -21.70 -3.77 -12.21
C2 SNG E . -21.09 -3.38 -11.50
C2 SNG E . -20.38 -3.17 -11.76
C3 SNG E . -21.45 -4.84 -11.74
C3 SNG E . -20.40 -1.95 -12.64
C4 SNG E . -22.23 -4.96 -13.05
C4 SNG E . -20.18 -2.29 -14.11
C5 SNG E . -21.26 -4.61 -14.15
C5 SNG E . -21.34 -3.18 -14.55
C6 SNG E . -21.79 -4.47 -15.58
C6 SNG E . -21.06 -3.93 -15.86
C7 SNG E . -19.62 -3.73 -9.45
C7 SNG E . -19.59 -3.60 -9.46
C8 SNG E . -19.36 -3.29 -8.21
C8 SNG E . -19.54 -3.30 -8.15
CM SNG E . -17.94 -1.53 -13.52
CM SNG E . -23.86 -5.67 -11.64
N2 SNG E . -20.58 -3.09 -10.13
N2 SNG E . -20.32 -2.84 -10.30
O3 SNG E . -22.25 -5.25 -10.69
O3 SNG E . -19.38 -1.14 -12.28
O4 SNG E . -22.81 -6.28 -13.14
O4 SNG E . -20.13 -1.08 -14.90
O5 SNG E . -20.78 -3.31 -13.84
O5 SNG E . -21.59 -4.18 -13.56
O6 SNG E . -21.10 -3.36 -16.22
O6 SNG E . -21.55 -5.29 -15.75
O7 SNG E . -19.02 -4.68 -9.90
O7 SNG E . -18.99 -4.59 -9.85
SE SNG E . -19.60 -1.35 -12.46
SE SNG E . -21.94 -5.42 -11.25
C1 SNG F . -13.12 -20.53 -5.29
C2 SNG F . -12.26 -19.28 -5.41
C3 SNG F . -12.38 -18.76 -6.83
C4 SNG F . -11.86 -19.82 -7.79
C5 SNG F . -12.59 -21.14 -7.52
C6 SNG F . -12.01 -22.27 -8.36
C7 SNG F . -12.07 -17.96 -3.32
C8 SNG F . -12.62 -16.94 -2.61
CM SNG F . -14.22 -22.80 -3.82
N2 SNG F . -12.71 -18.23 -4.49
O3 SNG F . -11.60 -17.57 -7.01
O4 SNG F . -11.95 -19.47 -9.18
O5 SNG F . -12.53 -21.48 -6.15
O6 SNG F . -10.59 -22.47 -8.07
O7 SNG F . -11.12 -18.62 -2.90
SE SNG F . -13.06 -21.21 -3.45
C1 SNG G . -0.05 -23.48 10.93
C2 SNG G . 0.43 -22.32 10.09
C3 SNG G . 0.54 -22.88 8.66
C4 SNG G . 1.60 -23.96 8.64
C5 SNG G . 1.24 -25.03 9.66
C6 SNG G . 2.33 -26.08 9.78
C7 SNG G . -0.34 -20.02 10.80
C8 SNG G . -1.32 -19.10 10.72
CM SNG G . -1.55 -24.49 13.27
N2 SNG G . -0.52 -21.19 10.16
O3 SNG G . 0.98 -21.94 7.73
O4 SNG G . 1.75 -24.55 7.35
O5 SNG G . 1.02 -24.44 10.94
O6 SNG G . 2.04 -26.80 11.00
O7 SNG G . 0.64 -19.79 11.45
SE SNG G . -0.42 -22.92 12.79
C1 SNG H . 8.93 -8.40 22.71
C2 SNG H . 8.72 -8.24 21.20
C3 SNG H . 9.52 -9.41 20.60
C4 SNG H . 11.00 -9.15 20.86
C5 SNG H . 11.20 -9.14 22.38
C6 SNG H . 12.67 -8.90 22.72
C7 SNG H . 6.49 -7.26 20.75
C8 SNG H . 5.21 -7.52 20.55
CM SNG H . 7.76 -8.29 25.50
N2 SNG H . 7.28 -8.31 20.95
O3 SNG H . 9.36 -9.68 19.21
O4 SNG H . 11.84 -10.12 20.20
O5 SNG H . 10.33 -8.17 22.98
O6 SNG H . 12.83 -8.63 24.11
O7 SNG H . 6.85 -6.10 20.78
SE SNG H . 7.70 -7.25 23.80
S SO4 I . 4.01 13.41 20.12
O1 SO4 I . 2.72 13.48 20.83
O2 SO4 I . 3.76 13.62 18.68
O3 SO4 I . 4.97 14.38 20.63
O4 SO4 I . 4.50 12.04 20.25
S SO4 J . -0.74 5.25 -25.64
O1 SO4 J . -2.17 5.36 -25.39
O2 SO4 J . -0.45 5.91 -26.91
O3 SO4 J . 0.08 5.88 -24.64
O4 SO4 J . -0.42 3.84 -25.70
C1 GOL K . 7.51 11.04 19.65
O1 GOL K . 6.54 10.08 20.12
C2 GOL K . 8.88 10.81 20.27
O2 GOL K . 8.87 10.71 21.69
C3 GOL K . 9.97 11.71 19.65
O3 GOL K . 10.82 12.33 20.59
#